data_6LCH
#
_entry.id   6LCH
#
_cell.length_a   60.100
_cell.length_b   63.200
_cell.length_c   66.900
_cell.angle_alpha   90.000
_cell.angle_beta   105.000
_cell.angle_gamma   90.000
#
_symmetry.space_group_name_H-M   'C 1 2 1'
#
loop_
_entity.id
_entity.type
_entity.pdbx_description
1 polymer 'Sel1 repeat family protein'
2 water water
#
_entity_poly.entity_id   1
_entity_poly.type   'polypeptide(L)'
_entity_poly.pdbx_seq_one_letter_code
;GSADSKPFVCVNEKDHLPPLDPQADAWYREAATLAKPDTLRPWPRIVGLYSKAAERGHWKAMHNLANLYRTGWPGGVEKD
TQKALDLYQKMIDLDVPQGFYDMGAMIGNRAGVKNPATDGLTFLDKAASLGNPPALTELGKFYIYVAKKKDLGLAYTHCA
ASQGYAPASYELGAYYKIVEHNFPKALVYYQVSVSQGGKSAAFFLSRVFGSETPPASAMWYAPDEKLREAYYSIYKKLEA
DPDLRFPNLIEDYPLPPHPTQGYDADRPDWKPER
;
_entity_poly.pdbx_strand_id   A
#
# COMPACT_ATOMS: atom_id res chain seq x y z
N SER A 5 16.50 19.44 -3.66
CA SER A 5 15.88 18.86 -4.86
C SER A 5 16.76 17.77 -5.46
N LYS A 6 17.39 16.97 -4.60
CA LYS A 6 18.24 15.88 -5.05
C LYS A 6 17.55 14.56 -4.76
N PRO A 7 17.38 13.68 -5.75
CA PRO A 7 16.59 12.47 -5.52
C PRO A 7 17.14 11.62 -4.40
N PHE A 8 16.23 11.12 -3.58
CA PHE A 8 16.58 10.34 -2.40
C PHE A 8 17.20 8.99 -2.79
N VAL A 9 18.14 8.53 -1.96
CA VAL A 9 18.65 7.18 -2.11
C VAL A 9 17.59 6.20 -1.61
N CYS A 10 17.47 5.06 -2.28
CA CYS A 10 16.47 4.07 -1.91
C CYS A 10 16.93 3.31 -0.67
N VAL A 11 16.17 3.43 0.42
CA VAL A 11 16.52 2.80 1.69
C VAL A 11 15.34 1.96 2.17
N ASN A 12 15.65 0.87 2.86
CA ASN A 12 14.61 0.02 3.40
C ASN A 12 13.95 0.67 4.60
N GLU A 13 12.62 0.79 4.57
CA GLU A 13 11.90 1.33 5.71
C GLU A 13 12.11 0.49 6.96
N LYS A 14 12.46 -0.79 6.80
CA LYS A 14 12.80 -1.70 7.90
C LYS A 14 14.18 -1.41 8.50
N ASP A 15 14.80 -0.29 8.15
CA ASP A 15 16.08 0.13 8.72
C ASP A 15 15.95 1.24 9.76
N HIS A 16 14.88 2.03 9.71
CA HIS A 16 14.71 3.15 10.64
C HIS A 16 13.43 3.01 11.45
N LEU A 17 13.21 1.81 12.02
CA LEU A 17 12.05 1.55 12.85
C LEU A 17 12.49 1.28 14.30
N PRO A 18 11.70 1.70 15.28
CA PRO A 18 12.04 1.42 16.67
C PRO A 18 11.79 -0.04 17.00
N PRO A 19 12.32 -0.55 18.13
CA PRO A 19 12.11 -1.96 18.45
C PRO A 19 10.63 -2.26 18.70
N LEU A 20 10.21 -3.44 18.25
CA LEU A 20 8.82 -3.88 18.39
C LEU A 20 8.64 -4.53 19.75
N ASP A 21 7.83 -3.91 20.61
CA ASP A 21 7.61 -4.45 21.94
C ASP A 21 6.75 -5.70 21.88
N PRO A 22 7.17 -6.81 22.49
CA PRO A 22 6.34 -8.03 22.46
C PRO A 22 4.99 -7.90 23.15
N GLN A 23 4.95 -7.39 24.38
CA GLN A 23 3.66 -7.20 25.07
C GLN A 23 2.70 -6.33 24.26
N ALA A 24 3.21 -5.24 23.68
CA ALA A 24 2.34 -4.33 22.95
C ALA A 24 1.89 -4.93 21.62
N ASP A 25 2.78 -5.65 20.94
CA ASP A 25 2.42 -6.25 19.66
C ASP A 25 1.33 -7.30 19.82
N ALA A 26 1.27 -7.96 20.97
CA ALA A 26 0.20 -8.91 21.22
C ALA A 26 -1.14 -8.20 21.36
N TRP A 27 -1.17 -7.06 22.06
CA TRP A 27 -2.38 -6.25 22.12
C TRP A 27 -2.79 -5.81 20.72
N TYR A 28 -1.82 -5.37 19.93
CA TYR A 28 -2.10 -4.84 18.60
C TYR A 28 -2.68 -5.90 17.68
N ARG A 29 -2.08 -7.09 17.68
CA ARG A 29 -2.54 -8.16 16.80
C ARG A 29 -3.91 -8.69 17.21
N GLU A 30 -4.23 -8.68 18.51
CA GLU A 30 -5.58 -9.05 18.92
C GLU A 30 -6.59 -8.01 18.48
N ALA A 31 -6.24 -6.73 18.63
CA ALA A 31 -7.15 -5.67 18.18
C ALA A 31 -7.34 -5.71 16.67
N ALA A 32 -6.25 -5.92 15.92
CA ALA A 32 -6.35 -6.02 14.48
C ALA A 32 -7.25 -7.17 14.05
N THR A 33 -7.15 -8.31 14.75
CA THR A 33 -7.99 -9.45 14.43
C THR A 33 -9.45 -9.17 14.74
N LEU A 34 -9.71 -8.57 15.89
CA LEU A 34 -11.09 -8.24 16.27
C LEU A 34 -11.72 -7.23 15.33
N ALA A 35 -10.92 -6.48 14.56
CA ALA A 35 -11.45 -5.47 13.64
C ALA A 35 -11.88 -6.05 12.30
N LYS A 36 -11.94 -7.37 12.17
CA LYS A 36 -12.16 -8.01 10.88
C LYS A 36 -13.55 -8.59 10.63
N PRO A 37 -14.15 -9.34 11.60
CA PRO A 37 -15.18 -10.32 11.21
C PRO A 37 -16.59 -9.77 11.00
N ASP A 38 -17.57 -10.68 10.93
CA ASP A 38 -18.96 -10.34 10.62
C ASP A 38 -19.83 -10.22 11.86
N THR A 39 -19.23 -10.10 13.04
CA THR A 39 -19.86 -9.28 14.06
C THR A 39 -19.86 -7.84 13.54
N LEU A 40 -20.46 -6.95 14.30
CA LEU A 40 -19.92 -5.60 14.36
C LEU A 40 -19.20 -5.51 15.69
N ARG A 41 -17.94 -5.13 15.62
CA ARG A 41 -16.91 -5.65 16.48
C ARG A 41 -16.93 -4.98 17.85
N PRO A 42 -16.24 -5.55 18.84
CA PRO A 42 -16.16 -4.89 20.15
C PRO A 42 -15.29 -3.65 20.11
N TRP A 43 -15.86 -2.53 19.68
CA TRP A 43 -15.05 -1.33 19.46
C TRP A 43 -14.44 -0.77 20.74
N PRO A 44 -15.14 -0.66 21.87
CA PRO A 44 -14.45 -0.25 23.11
C PRO A 44 -13.25 -1.12 23.43
N ARG A 45 -13.34 -2.43 23.19
CA ARG A 45 -12.19 -3.30 23.43
C ARG A 45 -11.09 -3.07 22.40
N ILE A 46 -11.47 -2.95 21.12
CA ILE A 46 -10.48 -2.70 20.07
C ILE A 46 -9.69 -1.45 20.38
N VAL A 47 -10.38 -0.37 20.75
CA VAL A 47 -9.71 0.88 21.09
C VAL A 47 -8.80 0.69 22.30
N GLY A 48 -9.27 -0.06 23.30
CA GLY A 48 -8.46 -0.29 24.49
C GLY A 48 -7.14 -0.96 24.15
N LEU A 49 -7.18 -2.06 23.42
CA LEU A 49 -5.97 -2.76 23.04
C LEU A 49 -5.04 -1.87 22.21
N TYR A 50 -5.58 -1.27 21.15
CA TYR A 50 -4.80 -0.37 20.31
C TYR A 50 -4.12 0.71 21.13
N SER A 51 -4.89 1.38 21.99
CA SER A 51 -4.32 2.48 22.77
C SER A 51 -3.26 1.97 23.74
N LYS A 52 -3.55 0.85 24.43
CA LYS A 52 -2.56 0.25 25.31
C LYS A 52 -1.26 -0.03 24.57
N ALA A 53 -1.36 -0.57 23.35
CA ALA A 53 -0.16 -0.80 22.56
C ALA A 53 0.50 0.52 22.17
N ALA A 54 -0.31 1.54 21.84
CA ALA A 54 0.23 2.82 21.40
C ALA A 54 1.00 3.51 22.53
N GLU A 55 0.52 3.39 23.77
CA GLU A 55 1.21 4.00 24.90
C GLU A 55 2.54 3.32 25.19
N ARG A 56 2.71 2.06 24.77
CA ARG A 56 3.99 1.39 24.93
C ARG A 56 4.92 1.63 23.74
N GLY A 57 4.49 2.41 22.76
CA GLY A 57 5.33 2.76 21.63
C GLY A 57 5.10 1.98 20.36
N HIS A 58 4.07 1.15 20.31
CA HIS A 58 3.81 0.33 19.12
C HIS A 58 3.34 1.22 17.97
N TRP A 59 4.11 1.23 16.87
CA TRP A 59 3.83 2.23 15.84
C TRP A 59 2.73 1.81 14.87
N LYS A 60 2.56 0.51 14.62
CA LYS A 60 1.43 0.09 13.80
C LYS A 60 0.12 0.27 14.54
N ALA A 61 0.12 0.06 15.87
CA ALA A 61 -1.06 0.33 16.66
C ALA A 61 -1.43 1.80 16.61
N MET A 62 -0.44 2.69 16.65
CA MET A 62 -0.71 4.12 16.52
C MET A 62 -1.32 4.43 15.15
N HIS A 63 -0.77 3.84 14.10
CA HIS A 63 -1.29 4.05 12.75
C HIS A 63 -2.72 3.53 12.64
N ASN A 64 -2.96 2.29 13.07
CA ASN A 64 -4.29 1.71 12.96
C ASN A 64 -5.31 2.48 13.79
N LEU A 65 -4.94 2.87 15.01
CA LEU A 65 -5.88 3.58 15.86
C LEU A 65 -6.21 4.95 15.31
N ALA A 66 -5.19 5.68 14.84
CA ALA A 66 -5.43 7.01 14.30
C ALA A 66 -6.29 6.95 13.04
N ASN A 67 -6.13 5.89 12.24
CA ASN A 67 -7.00 5.76 11.08
C ASN A 67 -8.46 5.62 11.50
N LEU A 68 -8.72 5.01 12.66
CA LEU A 68 -10.08 4.99 13.18
C LEU A 68 -10.54 6.38 13.61
N TYR A 69 -9.67 7.12 14.32
CA TYR A 69 -10.03 8.45 14.80
C TYR A 69 -10.04 9.49 13.68
N ARG A 70 -9.10 9.38 12.74
CA ARG A 70 -9.03 10.36 11.65
C ARG A 70 -10.31 10.34 10.83
N THR A 71 -10.74 9.15 10.42
CA THR A 71 -12.07 8.96 9.87
C THR A 71 -13.03 8.80 11.05
N GLY A 72 -14.26 8.37 10.76
CA GLY A 72 -15.10 7.89 11.83
C GLY A 72 -15.81 6.62 11.41
N TRP A 73 -15.19 5.88 10.49
CA TRP A 73 -15.88 4.76 9.87
C TRP A 73 -16.40 3.72 10.86
N PRO A 74 -15.71 3.39 11.97
CA PRO A 74 -16.29 2.40 12.89
C PRO A 74 -17.55 2.94 13.55
N GLY A 75 -18.57 2.08 13.64
CA GLY A 75 -19.80 2.48 14.29
C GLY A 75 -19.59 2.92 15.72
N GLY A 76 -18.65 2.29 16.42
CA GLY A 76 -18.43 2.61 17.81
C GLY A 76 -17.15 3.36 18.11
N VAL A 77 -16.60 4.10 17.14
CA VAL A 77 -15.39 4.90 17.35
C VAL A 77 -15.64 6.31 16.84
N GLU A 78 -15.45 7.29 17.73
CA GLU A 78 -15.75 8.68 17.43
C GLU A 78 -14.65 9.29 16.55
N LYS A 79 -15.05 10.09 15.57
CA LYS A 79 -14.10 10.95 14.87
C LYS A 79 -13.41 11.87 15.87
N ASP A 80 -12.09 11.82 15.91
CA ASP A 80 -11.32 12.70 16.79
C ASP A 80 -10.03 13.08 16.06
N THR A 81 -10.11 14.16 15.27
CA THR A 81 -8.96 14.63 14.51
C THR A 81 -7.75 14.87 15.40
N GLN A 82 -7.97 15.39 16.61
CA GLN A 82 -6.84 15.66 17.50
C GLN A 82 -6.24 14.37 18.02
N LYS A 83 -7.06 13.38 18.35
CA LYS A 83 -6.53 12.09 18.77
C LYS A 83 -5.67 11.47 17.68
N ALA A 84 -6.07 11.65 16.42
CA ALA A 84 -5.25 11.15 15.32
C ALA A 84 -3.95 11.93 15.20
N LEU A 85 -4.01 13.26 15.30
CA LEU A 85 -2.80 14.08 15.22
C LEU A 85 -1.82 13.72 16.32
N ASP A 86 -2.31 13.55 17.55
CA ASP A 86 -1.42 13.22 18.66
C ASP A 86 -0.76 11.87 18.46
N LEU A 87 -1.50 10.91 17.90
CA LEU A 87 -0.90 9.62 17.58
C LEU A 87 0.13 9.76 16.47
N TYR A 88 -0.16 10.60 15.47
CA TYR A 88 0.80 10.84 14.39
C TYR A 88 2.07 11.52 14.91
N GLN A 89 1.95 12.41 15.90
CA GLN A 89 3.13 13.06 16.45
C GLN A 89 3.96 12.11 17.31
N LYS A 90 3.30 11.17 18.00
CA LYS A 90 4.06 10.15 18.72
C LYS A 90 4.84 9.26 17.77
N MET A 91 4.27 8.98 16.59
CA MET A 91 5.00 8.22 15.57
C MET A 91 6.23 9.00 15.12
N ILE A 92 6.05 10.29 14.86
CA ILE A 92 7.16 11.14 14.44
C ILE A 92 8.21 11.24 15.54
N ASP A 93 7.76 11.31 16.81
CA ASP A 93 8.70 11.36 17.93
C ASP A 93 9.65 10.19 17.93
N LEU A 94 9.18 9.02 17.48
CA LEU A 94 10.01 7.84 17.34
C LEU A 94 10.69 7.77 15.97
N ASP A 95 10.54 8.82 15.15
CA ASP A 95 11.11 8.85 13.80
C ASP A 95 10.60 7.71 12.93
N VAL A 96 9.33 7.34 13.12
CA VAL A 96 8.72 6.28 12.33
C VAL A 96 8.37 6.85 10.96
N PRO A 97 8.87 6.27 9.87
CA PRO A 97 8.63 6.88 8.54
C PRO A 97 7.16 6.99 8.19
N GLN A 98 6.34 6.00 8.56
CA GLN A 98 4.90 6.10 8.30
C GLN A 98 4.29 7.28 9.05
N GLY A 99 4.88 7.67 10.18
CA GLY A 99 4.33 8.81 10.93
C GLY A 99 4.36 10.10 10.15
N PHE A 100 5.41 10.30 9.34
CA PHE A 100 5.49 11.51 8.52
C PHE A 100 4.44 11.48 7.40
N TYR A 101 4.32 10.33 6.72
CA TYR A 101 3.29 10.19 5.69
C TYR A 101 1.90 10.46 6.25
N ASP A 102 1.62 9.95 7.44
CA ASP A 102 0.28 10.10 7.99
C ASP A 102 0.00 11.55 8.38
N MET A 103 1.01 12.25 8.91
CA MET A 103 0.78 13.63 9.34
C MET A 103 0.55 14.55 8.17
N GLY A 104 1.27 14.34 7.06
CA GLY A 104 1.08 15.18 5.88
C GLY A 104 -0.31 15.08 5.30
N ALA A 105 -0.94 13.90 5.43
CA ALA A 105 -2.33 13.74 5.02
C ALA A 105 -3.29 14.42 6.00
N MET A 106 -2.81 14.82 7.17
CA MET A 106 -3.65 15.48 8.16
C MET A 106 -3.61 16.99 8.02
N ILE A 107 -2.43 17.59 8.22
CA ILE A 107 -2.29 19.03 8.30
C ILE A 107 -1.71 19.64 7.05
N GLY A 108 -1.47 18.85 6.01
CA GLY A 108 -0.91 19.39 4.79
C GLY A 108 0.51 18.92 4.59
N ASN A 109 0.85 18.61 3.34
CA ASN A 109 2.21 18.19 3.01
C ASN A 109 3.21 19.28 3.34
N ARG A 110 2.94 20.51 2.92
CA ARG A 110 3.88 21.60 3.10
C ARG A 110 4.11 21.94 4.57
N ALA A 111 3.21 21.52 5.46
CA ALA A 111 3.40 21.73 6.88
C ALA A 111 4.58 20.94 7.44
N GLY A 112 5.22 20.10 6.63
CA GLY A 112 6.35 19.33 7.13
C GLY A 112 7.62 20.15 7.27
N VAL A 113 7.87 21.07 6.35
CA VAL A 113 9.10 21.85 6.38
C VAL A 113 9.22 22.61 7.70
N LYS A 114 8.09 23.02 8.27
CA LYS A 114 8.09 23.71 9.56
C LYS A 114 8.45 22.78 10.71
N ASN A 115 8.07 21.50 10.61
CA ASN A 115 8.25 20.58 11.72
C ASN A 115 9.73 20.28 11.93
N PRO A 116 10.24 20.37 13.17
CA PRO A 116 11.67 20.13 13.39
C PRO A 116 12.12 18.72 13.04
N ALA A 117 11.22 17.73 13.09
CA ALA A 117 11.62 16.35 12.85
C ALA A 117 11.81 16.02 11.38
N THR A 118 11.38 16.89 10.46
CA THR A 118 11.54 16.63 9.03
C THR A 118 12.88 17.12 8.50
N ASP A 119 13.57 17.98 9.24
CA ASP A 119 14.86 18.54 8.82
C ASP A 119 14.72 19.34 7.52
N GLY A 120 13.74 20.23 7.49
CA GLY A 120 13.52 21.09 6.35
C GLY A 120 12.82 20.43 5.17
N LEU A 121 12.28 19.23 5.35
CA LEU A 121 11.62 18.50 4.29
C LEU A 121 10.10 18.52 4.50
N THR A 122 9.36 18.38 3.41
CA THR A 122 7.93 18.18 3.52
C THR A 122 7.66 16.78 4.07
N PHE A 123 6.42 16.55 4.49
CA PHE A 123 6.10 15.28 5.14
C PHE A 123 6.32 14.11 4.19
N LEU A 124 5.88 14.24 2.93
CA LEU A 124 6.09 13.17 1.96
C LEU A 124 7.56 12.94 1.70
N ASP A 125 8.34 14.01 1.53
CA ASP A 125 9.76 13.86 1.24
C ASP A 125 10.51 13.26 2.43
N LYS A 126 10.19 13.70 3.64
CA LYS A 126 10.83 13.13 4.83
C LYS A 126 10.51 11.64 4.96
N ALA A 127 9.23 11.28 4.81
CA ALA A 127 8.84 9.87 4.85
C ALA A 127 9.50 9.09 3.73
N ALA A 128 9.44 9.60 2.50
CA ALA A 128 10.17 8.97 1.40
C ALA A 128 11.66 8.95 1.68
N SER A 129 12.19 9.97 2.38
CA SER A 129 13.60 9.97 2.72
C SER A 129 13.98 8.83 3.64
N LEU A 130 13.03 8.29 4.39
CA LEU A 130 13.26 7.13 5.23
C LEU A 130 12.79 5.85 4.57
N GLY A 131 12.44 5.89 3.29
CA GLY A 131 12.05 4.70 2.56
C GLY A 131 10.62 4.27 2.77
N ASN A 132 9.75 5.16 3.19
CA ASN A 132 8.35 4.81 3.43
C ASN A 132 7.67 4.43 2.12
N PRO A 133 7.16 3.22 1.97
CA PRO A 133 6.58 2.79 0.68
C PRO A 133 5.35 3.60 0.28
N PRO A 134 4.43 3.92 1.20
CA PRO A 134 3.32 4.81 0.79
C PRO A 134 3.77 6.17 0.31
N ALA A 135 4.74 6.79 1.00
CA ALA A 135 5.17 8.12 0.59
C ALA A 135 5.87 8.10 -0.77
N LEU A 136 6.69 7.07 -1.02
CA LEU A 136 7.37 6.98 -2.31
C LEU A 136 6.38 6.71 -3.44
N THR A 137 5.31 5.97 -3.14
CA THR A 137 4.30 5.67 -4.15
C THR A 137 3.49 6.92 -4.50
N GLU A 138 3.13 7.72 -3.51
CA GLU A 138 2.38 8.94 -3.79
C GLU A 138 3.22 9.92 -4.59
N LEU A 139 4.49 10.08 -4.22
CA LEU A 139 5.39 10.93 -5.00
C LEU A 139 5.52 10.41 -6.43
N GLY A 140 5.62 9.09 -6.58
CA GLY A 140 5.62 8.50 -7.91
C GLY A 140 4.40 8.89 -8.72
N LYS A 141 3.24 8.93 -8.08
CA LYS A 141 2.01 9.28 -8.79
C LYS A 141 2.02 10.74 -9.22
N PHE A 142 2.56 11.63 -8.39
CA PHE A 142 2.64 13.04 -8.78
C PHE A 142 3.68 13.25 -9.87
N TYR A 143 4.81 12.57 -9.77
CA TYR A 143 5.91 12.80 -10.72
C TYR A 143 5.63 12.19 -12.08
N ILE A 144 5.01 11.01 -12.11
CA ILE A 144 4.80 10.34 -13.40
C ILE A 144 3.77 11.11 -14.23
N TYR A 145 2.64 11.47 -13.63
CA TYR A 145 1.50 11.98 -14.38
C TYR A 145 1.32 13.49 -14.25
N VAL A 146 1.24 14.01 -13.02
CA VAL A 146 1.00 15.44 -12.81
C VAL A 146 2.21 16.22 -13.29
N ALA A 147 3.30 16.12 -12.56
CA ALA A 147 4.56 16.65 -13.05
C ALA A 147 5.02 15.82 -14.25
N LYS A 148 5.88 16.42 -15.06
CA LYS A 148 6.48 15.70 -16.17
C LYS A 148 7.81 15.06 -15.78
N LYS A 149 7.91 14.60 -14.54
CA LYS A 149 9.11 13.93 -14.05
C LYS A 149 8.86 12.42 -13.96
N LYS A 150 8.59 11.80 -15.10
CA LYS A 150 8.24 10.38 -15.13
C LYS A 150 9.36 9.51 -14.54
N ASP A 151 10.62 9.86 -14.81
CA ASP A 151 11.71 8.99 -14.40
C ASP A 151 11.90 8.98 -12.90
N LEU A 152 11.76 10.14 -12.25
CA LEU A 152 11.85 10.20 -10.80
C LEU A 152 10.74 9.41 -10.15
N GLY A 153 9.53 9.50 -10.71
CA GLY A 153 8.40 8.78 -10.13
C GLY A 153 8.56 7.27 -10.23
N LEU A 154 8.96 6.78 -11.41
CA LEU A 154 9.19 5.35 -11.59
C LEU A 154 10.28 4.84 -10.66
N ALA A 155 11.32 5.65 -10.44
CA ALA A 155 12.37 5.26 -9.50
C ALA A 155 11.81 5.12 -8.09
N TYR A 156 11.11 6.15 -7.62
CA TYR A 156 10.52 6.09 -6.28
C TYR A 156 9.51 4.97 -6.18
N THR A 157 8.69 4.78 -7.21
CA THR A 157 7.75 3.66 -7.20
C THR A 157 8.47 2.32 -7.22
N HIS A 158 9.64 2.26 -7.88
CA HIS A 158 10.41 1.02 -7.86
C HIS A 158 11.02 0.77 -6.48
N CYS A 159 11.43 1.85 -5.79
CA CYS A 159 11.94 1.69 -4.42
C CYS A 159 10.85 1.13 -3.51
N ALA A 160 9.61 1.56 -3.71
CA ALA A 160 8.51 1.12 -2.85
C ALA A 160 8.17 -0.34 -3.09
N ALA A 161 8.13 -0.78 -4.35
CA ALA A 161 7.74 -2.17 -4.60
C ALA A 161 8.83 -3.16 -4.21
N SER A 162 10.11 -2.75 -4.29
CA SER A 162 11.18 -3.63 -3.86
C SER A 162 11.07 -3.98 -2.38
N GLN A 163 10.36 -3.16 -1.60
CA GLN A 163 10.08 -3.46 -0.21
C GLN A 163 8.82 -4.29 -0.01
N GLY A 164 8.24 -4.80 -1.11
CA GLY A 164 7.08 -5.66 -1.02
C GLY A 164 5.75 -4.95 -0.90
N TYR A 165 5.70 -3.66 -1.20
CA TYR A 165 4.49 -2.86 -1.05
C TYR A 165 3.64 -3.02 -2.31
N ALA A 166 2.52 -3.74 -2.17
CA ALA A 166 1.73 -4.11 -3.36
C ALA A 166 1.19 -2.92 -4.16
N PRO A 167 0.63 -1.86 -3.55
CA PRO A 167 0.09 -0.77 -4.37
C PRO A 167 1.13 -0.09 -5.25
N ALA A 168 2.41 -0.20 -4.92
CA ALA A 168 3.44 0.35 -5.81
C ALA A 168 3.61 -0.51 -7.05
N SER A 169 3.60 -1.83 -6.87
CA SER A 169 3.63 -2.73 -8.02
C SER A 169 2.37 -2.60 -8.85
N TYR A 170 1.24 -2.24 -8.24
CA TYR A 170 0.03 -1.94 -9.00
C TYR A 170 0.23 -0.72 -9.88
N GLU A 171 0.82 0.34 -9.33
CA GLU A 171 1.12 1.53 -10.12
C GLU A 171 2.11 1.24 -11.23
N LEU A 172 2.98 0.24 -11.03
CA LEU A 172 3.85 -0.22 -12.11
C LEU A 172 3.04 -0.77 -13.26
N GLY A 173 2.19 -1.75 -12.96
CA GLY A 173 1.31 -2.30 -13.99
C GLY A 173 0.51 -1.23 -14.69
N ALA A 174 -0.11 -0.34 -13.91
CA ALA A 174 -0.84 0.78 -14.49
C ALA A 174 0.05 1.59 -15.42
N TYR A 175 1.28 1.89 -14.99
CA TYR A 175 2.19 2.67 -15.82
C TYR A 175 2.45 1.98 -17.16
N TYR A 176 2.84 0.71 -17.11
CA TYR A 176 3.19 0.00 -18.34
C TYR A 176 1.98 -0.17 -19.24
N LYS A 177 0.82 -0.45 -18.67
CA LYS A 177 -0.39 -0.59 -19.45
C LYS A 177 -0.76 0.72 -20.14
N ILE A 178 -0.68 1.82 -19.41
CA ILE A 178 -1.28 3.08 -19.84
C ILE A 178 -0.26 4.00 -20.51
N VAL A 179 0.94 4.15 -19.94
CA VAL A 179 1.89 5.08 -20.51
C VAL A 179 2.68 4.44 -21.65
N GLU A 180 3.06 3.17 -21.50
CA GLU A 180 3.91 2.50 -22.47
C GLU A 180 3.18 1.51 -23.35
N HIS A 181 1.89 1.28 -23.09
CA HIS A 181 1.08 0.34 -23.87
C HIS A 181 1.79 -1.01 -24.00
N ASN A 182 2.42 -1.44 -22.91
CA ASN A 182 3.13 -2.71 -22.83
C ASN A 182 2.28 -3.64 -21.96
N PHE A 183 1.31 -4.30 -22.60
CA PHE A 183 0.37 -5.11 -21.84
C PHE A 183 1.03 -6.29 -21.13
N PRO A 184 1.89 -7.10 -21.75
CA PRO A 184 2.46 -8.23 -21.01
C PRO A 184 3.39 -7.83 -19.90
N LYS A 185 4.14 -6.73 -20.05
CA LYS A 185 4.93 -6.24 -18.93
C LYS A 185 4.03 -5.65 -17.85
N ALA A 186 2.89 -5.07 -18.24
CA ALA A 186 1.93 -4.60 -17.25
C ALA A 186 1.35 -5.77 -16.47
N LEU A 187 1.03 -6.87 -17.16
CA LEU A 187 0.47 -8.05 -16.50
C LEU A 187 1.46 -8.66 -15.51
N VAL A 188 2.76 -8.61 -15.83
CA VAL A 188 3.76 -9.13 -14.90
C VAL A 188 3.71 -8.37 -13.59
N TYR A 189 3.58 -7.05 -13.65
CA TYR A 189 3.64 -6.23 -12.46
C TYR A 189 2.33 -6.25 -11.67
N TYR A 190 1.19 -6.33 -12.37
CA TYR A 190 -0.07 -6.55 -11.66
C TYR A 190 -0.03 -7.85 -10.88
N GLN A 191 0.57 -8.89 -11.46
CA GLN A 191 0.65 -10.18 -10.77
C GLN A 191 1.55 -10.08 -9.54
N VAL A 192 2.72 -9.45 -9.69
CA VAL A 192 3.60 -9.24 -8.53
C VAL A 192 2.86 -8.50 -7.44
N SER A 193 2.04 -7.52 -7.81
CA SER A 193 1.20 -6.81 -6.84
C SER A 193 0.31 -7.78 -6.08
N VAL A 194 -0.30 -8.73 -6.78
CA VAL A 194 -1.16 -9.72 -6.13
C VAL A 194 -0.36 -10.52 -5.10
N SER A 195 0.80 -11.04 -5.52
CA SER A 195 1.63 -11.84 -4.61
C SER A 195 2.09 -11.06 -3.38
N GLN A 196 1.96 -9.73 -3.39
CA GLN A 196 2.31 -8.89 -2.26
C GLN A 196 1.10 -8.45 -1.45
N GLY A 197 -0.06 -9.05 -1.69
CA GLY A 197 -1.28 -8.63 -1.01
C GLY A 197 -2.09 -7.60 -1.75
N GLY A 198 -1.84 -7.41 -3.05
CA GLY A 198 -2.58 -6.44 -3.82
C GLY A 198 -4.02 -6.82 -4.05
N LYS A 199 -4.92 -6.12 -3.37
CA LYS A 199 -6.36 -6.31 -3.55
C LYS A 199 -6.83 -5.85 -4.92
N SER A 200 -6.50 -4.61 -5.28
CA SER A 200 -6.96 -4.04 -6.54
C SER A 200 -6.40 -4.79 -7.74
N ALA A 201 -5.18 -5.33 -7.61
CA ALA A 201 -4.60 -6.07 -8.72
C ALA A 201 -5.25 -7.43 -8.89
N ALA A 202 -5.64 -8.07 -7.78
CA ALA A 202 -6.34 -9.35 -7.88
C ALA A 202 -7.69 -9.18 -8.57
N PHE A 203 -8.43 -8.14 -8.19
CA PHE A 203 -9.68 -7.86 -8.89
C PHE A 203 -9.43 -7.52 -10.35
N PHE A 204 -8.37 -6.74 -10.63
CA PHE A 204 -8.11 -6.37 -12.01
C PHE A 204 -7.75 -7.58 -12.86
N LEU A 205 -6.96 -8.50 -12.31
CA LEU A 205 -6.62 -9.70 -13.07
C LEU A 205 -7.84 -10.61 -13.22
N SER A 206 -8.76 -10.56 -12.27
CA SER A 206 -10.01 -11.31 -12.41
C SER A 206 -10.79 -10.86 -13.64
N ARG A 207 -10.90 -9.55 -13.83
CA ARG A 207 -11.61 -9.02 -14.99
C ARG A 207 -10.79 -9.18 -16.27
N VAL A 208 -9.47 -9.11 -16.18
CA VAL A 208 -8.61 -9.35 -17.33
C VAL A 208 -8.95 -10.70 -17.97
N PHE A 209 -9.06 -11.74 -17.14
CA PHE A 209 -9.35 -13.08 -17.62
C PHE A 209 -10.83 -13.43 -17.51
N GLY A 210 -11.69 -12.42 -17.36
CA GLY A 210 -13.12 -12.63 -17.41
C GLY A 210 -13.67 -12.51 -18.82
N SER A 211 -14.61 -13.38 -19.15
CA SER A 211 -15.19 -13.37 -20.49
C SER A 211 -16.09 -12.17 -20.70
N GLU A 212 -16.74 -11.68 -19.64
CA GLU A 212 -17.66 -10.56 -19.69
C GLU A 212 -16.98 -9.21 -19.78
N THR A 213 -15.64 -9.17 -19.70
CA THR A 213 -14.93 -7.90 -19.73
C THR A 213 -14.75 -7.43 -21.17
N PRO A 214 -15.06 -6.19 -21.48
CA PRO A 214 -14.77 -5.66 -22.82
C PRO A 214 -13.30 -5.83 -23.15
N PRO A 215 -12.98 -6.33 -24.35
CA PRO A 215 -11.58 -6.66 -24.66
C PRO A 215 -10.61 -5.53 -24.40
N ALA A 216 -11.04 -4.28 -24.61
CA ALA A 216 -10.17 -3.13 -24.34
C ALA A 216 -9.74 -3.10 -22.88
N SER A 217 -10.69 -3.29 -21.95
CA SER A 217 -10.36 -3.27 -20.54
C SER A 217 -9.50 -4.46 -20.13
N ALA A 218 -9.52 -5.54 -20.89
CA ALA A 218 -8.74 -6.73 -20.61
C ALA A 218 -7.41 -6.76 -21.36
N MET A 219 -7.00 -5.62 -21.93
CA MET A 219 -5.78 -5.53 -22.75
C MET A 219 -5.77 -6.57 -23.86
N TRP A 220 -6.96 -6.99 -24.30
CA TRP A 220 -7.13 -7.96 -25.39
C TRP A 220 -6.51 -9.31 -25.05
N TYR A 221 -6.45 -9.64 -23.75
CA TYR A 221 -6.09 -10.98 -23.34
C TYR A 221 -7.29 -11.91 -23.48
N ALA A 222 -7.03 -13.14 -23.87
CA ALA A 222 -8.12 -14.09 -24.01
C ALA A 222 -8.68 -14.42 -22.62
N PRO A 223 -10.01 -14.47 -22.48
CA PRO A 223 -10.61 -14.91 -21.22
C PRO A 223 -10.08 -16.29 -20.81
N ASP A 224 -10.06 -16.52 -19.51
CA ASP A 224 -9.50 -17.76 -18.95
C ASP A 224 -10.29 -18.07 -17.69
N GLU A 225 -11.02 -19.19 -17.72
CA GLU A 225 -11.94 -19.49 -16.62
C GLU A 225 -11.19 -19.77 -15.32
N LYS A 226 -10.14 -20.60 -15.38
CA LYS A 226 -9.41 -20.93 -14.16
C LYS A 226 -8.67 -19.71 -13.62
N LEU A 227 -8.00 -18.97 -14.49
CA LEU A 227 -7.31 -17.75 -14.07
C LEU A 227 -8.29 -16.75 -13.48
N ARG A 228 -9.45 -16.57 -14.11
CA ARG A 228 -10.45 -15.63 -13.60
C ARG A 228 -10.81 -15.95 -12.16
N GLU A 229 -11.06 -17.22 -11.85
CA GLU A 229 -11.48 -17.54 -10.50
C GLU A 229 -10.31 -17.56 -9.53
N ALA A 230 -9.15 -18.06 -9.98
CA ALA A 230 -7.99 -18.08 -9.09
C ALA A 230 -7.64 -16.68 -8.59
N TYR A 231 -7.89 -15.66 -9.41
CA TYR A 231 -7.59 -14.30 -8.98
C TYR A 231 -8.73 -13.72 -8.15
N TYR A 232 -9.98 -13.93 -8.56
CA TYR A 232 -11.09 -13.43 -7.76
C TYR A 232 -11.13 -14.07 -6.38
N SER A 233 -10.74 -15.34 -6.28
CA SER A 233 -10.68 -15.99 -4.98
C SER A 233 -9.58 -15.39 -4.11
N ILE A 234 -8.44 -15.05 -4.71
CA ILE A 234 -7.39 -14.34 -3.98
C ILE A 234 -7.92 -12.98 -3.53
N TYR A 235 -8.65 -12.29 -4.41
CA TYR A 235 -9.25 -11.03 -4.03
C TYR A 235 -10.23 -11.22 -2.88
N LYS A 236 -10.99 -12.31 -2.87
CA LYS A 236 -11.87 -12.54 -1.73
C LYS A 236 -11.08 -12.85 -0.46
N LYS A 237 -9.98 -13.60 -0.60
CA LYS A 237 -9.17 -13.94 0.56
C LYS A 237 -8.54 -12.71 1.19
N LEU A 238 -8.03 -11.79 0.36
CA LEU A 238 -7.41 -10.57 0.89
C LEU A 238 -8.46 -9.60 1.42
N GLU A 239 -9.67 -9.66 0.88
CA GLU A 239 -10.76 -8.83 1.38
C GLU A 239 -11.16 -9.22 2.79
N ALA A 240 -11.08 -10.50 3.14
CA ALA A 240 -11.32 -10.85 4.53
C ALA A 240 -10.06 -10.66 5.38
N ASP A 241 -8.88 -10.92 4.81
CA ASP A 241 -7.62 -10.75 5.55
C ASP A 241 -6.59 -10.03 4.67
N PRO A 242 -6.50 -8.70 4.81
CA PRO A 242 -5.56 -7.95 3.96
C PRO A 242 -4.09 -8.24 4.23
N ASP A 243 -3.78 -9.04 5.25
CA ASP A 243 -2.39 -9.28 5.63
C ASP A 243 -1.81 -10.53 4.99
N LEU A 244 -2.62 -11.32 4.30
CA LEU A 244 -2.09 -12.51 3.64
C LEU A 244 -1.23 -12.12 2.46
N ARG A 245 -0.37 -13.05 2.07
CA ARG A 245 0.48 -12.93 0.91
C ARG A 245 0.33 -14.20 0.09
N PHE A 246 0.97 -14.22 -1.08
CA PHE A 246 0.85 -15.33 -2.02
C PHE A 246 2.20 -15.55 -2.69
N PRO A 247 3.15 -16.15 -1.95
CA PRO A 247 4.54 -16.23 -2.44
C PRO A 247 4.74 -17.24 -3.55
N ASN A 248 3.76 -18.08 -3.86
CA ASN A 248 3.88 -19.07 -4.93
C ASN A 248 3.06 -18.69 -6.16
N LEU A 249 2.38 -17.55 -6.14
CA LEU A 249 1.46 -17.18 -7.21
C LEU A 249 2.16 -17.12 -8.57
N ILE A 250 3.33 -16.48 -8.61
CA ILE A 250 4.04 -16.31 -9.88
C ILE A 250 4.38 -17.68 -10.47
N GLU A 251 4.90 -18.58 -9.64
CA GLU A 251 5.32 -19.89 -10.12
C GLU A 251 4.12 -20.80 -10.40
N ASP A 252 3.07 -20.72 -9.58
CA ASP A 252 1.95 -21.62 -9.75
C ASP A 252 1.15 -21.32 -11.01
N TYR A 253 1.10 -20.07 -11.44
CA TYR A 253 0.30 -19.67 -12.61
C TYR A 253 1.10 -18.70 -13.48
N PRO A 254 2.01 -19.22 -14.30
CA PRO A 254 2.71 -18.34 -15.25
C PRO A 254 1.71 -17.67 -16.19
N LEU A 255 1.98 -16.40 -16.49
CA LEU A 255 1.01 -15.60 -17.23
C LEU A 255 0.94 -16.07 -18.68
N PRO A 256 -0.25 -16.10 -19.27
CA PRO A 256 -0.38 -16.55 -20.66
C PRO A 256 0.27 -15.56 -21.61
N PRO A 257 0.60 -16.00 -22.82
CA PRO A 257 1.03 -15.05 -23.85
C PRO A 257 -0.13 -14.17 -24.28
N HIS A 258 0.21 -13.08 -24.95
CA HIS A 258 -0.76 -12.15 -25.51
C HIS A 258 -0.89 -12.39 -27.01
N PRO A 259 -2.11 -12.40 -27.55
CA PRO A 259 -2.26 -12.67 -29.00
C PRO A 259 -1.49 -11.72 -29.89
N THR A 260 -1.24 -10.49 -29.45
CA THR A 260 -0.47 -9.52 -30.23
C THR A 260 0.86 -9.15 -29.59
N GLN A 261 0.93 -9.08 -28.26
CA GLN A 261 2.08 -8.52 -27.57
C GLN A 261 2.98 -9.55 -26.89
N GLY A 262 2.50 -10.77 -26.69
CA GLY A 262 3.39 -11.85 -26.22
C GLY A 262 3.64 -11.81 -24.73
N TYR A 263 4.91 -11.97 -24.35
CA TYR A 263 5.32 -12.01 -22.94
C TYR A 263 5.93 -10.70 -22.46
N ASP A 264 6.28 -9.82 -23.39
CA ASP A 264 6.66 -8.45 -23.09
C ASP A 264 6.49 -7.72 -24.41
N ALA A 265 5.61 -6.72 -24.46
CA ALA A 265 5.37 -6.04 -25.73
C ALA A 265 6.68 -5.69 -26.41
N ASP A 266 7.73 -5.39 -25.64
CA ASP A 266 9.02 -5.04 -26.20
C ASP A 266 9.59 -6.17 -27.05
N ARG A 267 9.59 -7.40 -26.52
CA ARG A 267 10.20 -8.57 -27.14
C ARG A 267 9.20 -9.70 -27.27
N PRO A 268 8.30 -9.64 -28.24
CA PRO A 268 7.29 -10.66 -28.49
C PRO A 268 7.73 -11.69 -29.53
#